data_5KKM
#
_entry.id   5KKM
#
_entity_poly.entity_id   1
_entity_poly.type   'polypeptide(L)'
_entity_poly.pdbx_seq_one_letter_code
;QWCQPGYAYNPVLGICTITLSR
;
_entity_poly.pdbx_strand_id   A
#
# COMPACT_ATOMS: atom_id res chain seq x y z
N GLN A 1 4.16 -9.53 -4.09
CA GLN A 1 3.78 -8.67 -2.97
C GLN A 1 4.78 -7.53 -2.80
N TRP A 2 4.76 -6.58 -3.73
CA TRP A 2 5.67 -5.45 -3.69
C TRP A 2 4.92 -4.15 -3.96
N CYS A 3 5.10 -3.17 -3.09
CA CYS A 3 4.44 -1.87 -3.25
C CYS A 3 5.45 -0.78 -3.59
N GLN A 4 5.11 0.03 -4.59
CA GLN A 4 6.00 1.12 -5.00
C GLN A 4 6.01 2.23 -3.95
N PRO A 5 7.03 3.08 -3.92
CA PRO A 5 7.07 4.18 -2.91
C PRO A 5 5.79 5.02 -2.91
N GLY A 6 5.34 5.40 -1.72
CA GLY A 6 4.12 6.18 -1.59
C GLY A 6 2.91 5.27 -1.40
N TYR A 7 3.13 3.97 -1.56
CA TYR A 7 2.05 3.00 -1.40
C TYR A 7 2.36 2.04 -0.26
N ALA A 8 1.33 1.68 0.50
CA ALA A 8 1.49 0.76 1.62
C ALA A 8 0.77 -0.55 1.34
N TYR A 9 1.46 -1.67 1.59
CA TYR A 9 0.87 -2.98 1.34
C TYR A 9 -0.33 -3.21 2.25
N ASN A 10 -1.43 -3.66 1.65
CA ASN A 10 -2.64 -3.95 2.40
C ASN A 10 -2.91 -5.45 2.41
N PRO A 11 -2.82 -6.13 3.54
CA PRO A 11 -3.06 -7.59 3.58
C PRO A 11 -4.54 -7.91 3.44
N VAL A 12 -5.39 -7.01 3.95
CA VAL A 12 -6.83 -7.19 3.85
C VAL A 12 -7.28 -7.17 2.40
N LEU A 13 -6.78 -6.20 1.64
CA LEU A 13 -7.14 -6.07 0.24
C LEU A 13 -6.29 -7.01 -0.62
N GLY A 14 -5.09 -7.31 -0.14
CA GLY A 14 -4.18 -8.20 -0.87
C GLY A 14 -3.41 -7.45 -1.95
N ILE A 15 -3.61 -6.14 -2.01
CA ILE A 15 -2.92 -5.32 -3.00
C ILE A 15 -2.33 -4.06 -2.36
N CYS A 16 -1.56 -3.31 -3.13
CA CYS A 16 -0.94 -2.09 -2.63
C CYS A 16 -1.88 -0.90 -2.81
N THR A 17 -1.97 -0.05 -1.79
CA THR A 17 -2.83 1.13 -1.85
C THR A 17 -2.04 2.38 -1.51
N ILE A 18 -2.50 3.51 -2.03
CA ILE A 18 -1.82 4.78 -1.79
C ILE A 18 -2.05 5.25 -0.37
N THR A 19 -1.08 5.98 0.17
CA THR A 19 -1.17 6.48 1.53
C THR A 19 -0.41 7.80 1.66
N LEU A 20 -0.89 8.67 2.54
CA LEU A 20 -0.26 9.97 2.75
C LEU A 20 0.18 10.11 4.20
N SER A 21 -0.31 9.22 5.06
CA SER A 21 0.04 9.25 6.47
C SER A 21 -0.24 10.63 7.07
N ARG A 22 -1.35 11.22 6.66
CA ARG A 22 -1.73 12.54 7.17
C ARG A 22 -3.19 12.84 6.84
N GLN A 1 5.24 -10.09 -2.25
CA GLN A 1 4.49 -8.92 -2.68
C GLN A 1 5.39 -7.68 -2.70
N TRP A 2 5.10 -6.79 -3.65
CA TRP A 2 5.90 -5.57 -3.78
C TRP A 2 4.99 -4.37 -4.05
N CYS A 3 5.23 -3.28 -3.32
CA CYS A 3 4.43 -2.06 -3.49
C CYS A 3 5.31 -0.90 -3.92
N GLN A 4 4.72 0.02 -4.67
CA GLN A 4 5.45 1.20 -5.14
C GLN A 4 5.68 2.16 -3.98
N PRO A 5 6.59 3.07 -4.12
CA PRO A 5 6.88 4.07 -3.05
C PRO A 5 5.67 4.98 -2.82
N GLY A 6 5.39 5.26 -1.55
CA GLY A 6 4.25 6.10 -1.21
C GLY A 6 2.99 5.25 -1.03
N TYR A 7 3.13 3.97 -1.36
CA TYR A 7 2.01 3.02 -1.24
C TYR A 7 2.32 2.00 -0.15
N ALA A 8 1.28 1.60 0.59
CA ALA A 8 1.44 0.63 1.67
C ALA A 8 0.72 -0.67 1.32
N TYR A 9 1.39 -1.79 1.54
CA TYR A 9 0.81 -3.09 1.25
C TYR A 9 -0.39 -3.36 2.13
N ASN A 10 -1.48 -3.79 1.52
CA ASN A 10 -2.69 -4.11 2.26
C ASN A 10 -2.97 -5.62 2.21
N PRO A 11 -2.89 -6.33 3.32
CA PRO A 11 -3.14 -7.79 3.31
C PRO A 11 -4.62 -8.11 3.14
N VAL A 12 -5.47 -7.23 3.68
CA VAL A 12 -6.91 -7.43 3.58
C VAL A 12 -7.35 -7.35 2.12
N LEU A 13 -6.85 -6.34 1.41
CA LEU A 13 -7.21 -6.16 0.00
C LEU A 13 -6.37 -7.09 -0.88
N GLY A 14 -5.18 -7.44 -0.40
CA GLY A 14 -4.29 -8.31 -1.16
C GLY A 14 -3.49 -7.53 -2.19
N ILE A 15 -3.67 -6.21 -2.20
CA ILE A 15 -2.96 -5.36 -3.15
C ILE A 15 -2.37 -4.14 -2.45
N CYS A 16 -1.58 -3.35 -3.18
CA CYS A 16 -0.97 -2.16 -2.62
C CYS A 16 -1.90 -0.96 -2.78
N THR A 17 -2.02 -0.15 -1.73
CA THR A 17 -2.89 1.02 -1.77
C THR A 17 -2.13 2.26 -1.35
N ILE A 18 -2.60 3.42 -1.81
CA ILE A 18 -1.95 4.69 -1.49
C ILE A 18 -2.22 5.07 -0.04
N THR A 19 -1.26 5.77 0.56
CA THR A 19 -1.40 6.21 1.94
C THR A 19 -0.61 7.48 2.16
N LEU A 20 -1.16 8.36 2.99
CA LEU A 20 -0.51 9.64 3.28
C LEU A 20 -0.43 9.87 4.78
N SER A 21 0.67 10.49 5.23
CA SER A 21 0.86 10.76 6.65
C SER A 21 -0.24 11.67 7.18
N ARG A 22 -0.56 12.71 6.41
CA ARG A 22 -1.60 13.65 6.83
C ARG A 22 -1.48 13.97 8.31
N GLN A 1 2.79 -8.34 -1.05
CA GLN A 1 3.52 -8.27 -2.32
C GLN A 1 4.30 -6.96 -2.41
N TRP A 2 5.14 -6.85 -3.44
CA TRP A 2 5.94 -5.66 -3.65
C TRP A 2 5.04 -4.46 -3.97
N CYS A 3 5.30 -3.34 -3.30
CA CYS A 3 4.53 -2.12 -3.51
C CYS A 3 5.44 -1.00 -4.02
N GLN A 4 4.86 -0.10 -4.81
CA GLN A 4 5.60 1.02 -5.35
C GLN A 4 5.88 2.04 -4.25
N PRO A 5 6.80 2.92 -4.45
CA PRO A 5 7.14 3.95 -3.43
C PRO A 5 5.96 4.90 -3.21
N GLY A 6 5.70 5.24 -1.96
CA GLY A 6 4.60 6.12 -1.63
C GLY A 6 3.33 5.30 -1.38
N TYR A 7 3.41 4.00 -1.66
CA TYR A 7 2.28 3.09 -1.46
C TYR A 7 2.58 2.12 -0.33
N ALA A 8 1.55 1.82 0.46
CA ALA A 8 1.71 0.89 1.59
C ALA A 8 0.95 -0.41 1.31
N TYR A 9 1.61 -1.53 1.55
CA TYR A 9 0.98 -2.82 1.33
C TYR A 9 -0.20 -3.02 2.26
N ASN A 10 -1.32 -3.45 1.68
CA ASN A 10 -2.53 -3.70 2.46
C ASN A 10 -2.85 -5.19 2.47
N PRO A 11 -2.76 -5.86 3.60
CA PRO A 11 -3.07 -7.32 3.66
C PRO A 11 -4.56 -7.59 3.55
N VAL A 12 -5.36 -6.66 4.07
CA VAL A 12 -6.81 -6.79 4.02
C VAL A 12 -7.30 -6.75 2.58
N LEU A 13 -6.77 -5.79 1.81
CA LEU A 13 -7.16 -5.65 0.41
C LEU A 13 -6.38 -6.64 -0.46
N GLY A 14 -5.20 -7.01 0.00
CA GLY A 14 -4.35 -7.95 -0.73
C GLY A 14 -3.55 -7.23 -1.81
N ILE A 15 -3.69 -5.91 -1.89
CA ILE A 15 -2.97 -5.12 -2.88
C ILE A 15 -2.33 -3.89 -2.25
N CYS A 16 -1.53 -3.17 -3.03
CA CYS A 16 -0.86 -1.97 -2.53
C CYS A 16 -1.76 -0.75 -2.74
N THR A 17 -1.81 0.12 -1.72
CA THR A 17 -2.65 1.32 -1.80
C THR A 17 -1.84 2.57 -1.48
N ILE A 18 -2.28 3.71 -1.99
CA ILE A 18 -1.58 4.97 -1.77
C ILE A 18 -1.86 5.48 -0.36
N THR A 19 -0.86 6.10 0.25
CA THR A 19 -1.01 6.63 1.59
C THR A 19 -0.19 7.91 1.76
N LEU A 20 -0.73 8.85 2.54
CA LEU A 20 -0.03 10.11 2.78
C LEU A 20 -0.19 10.54 4.24
N SER A 21 -1.41 10.96 4.59
CA SER A 21 -1.69 11.40 5.96
C SER A 21 -1.56 10.24 6.94
N ARG A 22 -1.69 9.02 6.43
CA ARG A 22 -1.58 7.84 7.28
C ARG A 22 -1.06 6.65 6.47
N GLN A 1 4.56 -9.35 -3.42
CA GLN A 1 4.37 -8.54 -4.61
C GLN A 1 5.08 -7.19 -4.46
N TRP A 2 5.82 -6.81 -5.49
CA TRP A 2 6.56 -5.55 -5.46
C TRP A 2 5.60 -4.37 -5.46
N CYS A 3 5.79 -3.45 -4.51
CA CYS A 3 4.93 -2.27 -4.41
C CYS A 3 5.77 -1.00 -4.53
N GLN A 4 5.35 -0.13 -5.45
CA GLN A 4 6.05 1.12 -5.68
C GLN A 4 6.25 1.89 -4.38
N PRO A 5 7.24 2.74 -4.28
CA PRO A 5 7.48 3.52 -3.05
C PRO A 5 6.33 4.48 -2.77
N GLY A 6 6.05 4.70 -1.50
CA GLY A 6 4.95 5.59 -1.11
C GLY A 6 3.67 4.77 -0.93
N TYR A 7 3.73 3.50 -1.30
CA TYR A 7 2.59 2.60 -1.16
C TYR A 7 2.85 1.60 -0.04
N ALA A 8 1.79 1.23 0.68
CA ALA A 8 1.93 0.29 1.79
C ALA A 8 1.03 -0.92 1.59
N TYR A 9 1.58 -2.11 1.84
CA TYR A 9 0.83 -3.34 1.68
C TYR A 9 -0.37 -3.37 2.61
N ASN A 10 -1.53 -3.70 2.05
CA ASN A 10 -2.76 -3.79 2.82
C ASN A 10 -3.23 -5.24 2.88
N PRO A 11 -3.25 -5.88 4.03
CA PRO A 11 -3.68 -7.29 4.13
C PRO A 11 -5.20 -7.41 3.96
N VAL A 12 -5.91 -6.38 4.38
CA VAL A 12 -7.37 -6.36 4.25
C VAL A 12 -7.77 -6.39 2.78
N LEU A 13 -7.10 -5.56 1.98
CA LEU A 13 -7.39 -5.48 0.55
C LEU A 13 -6.61 -6.56 -0.20
N GLY A 14 -5.50 -7.00 0.38
CA GLY A 14 -4.67 -8.03 -0.23
C GLY A 14 -3.72 -7.42 -1.27
N ILE A 15 -3.80 -6.11 -1.43
CA ILE A 15 -2.95 -5.42 -2.38
C ILE A 15 -2.38 -4.13 -1.78
N CYS A 16 -1.44 -3.51 -2.48
CA CYS A 16 -0.82 -2.28 -1.98
C CYS A 16 -1.64 -1.06 -2.41
N THR A 17 -1.74 -0.09 -1.50
CA THR A 17 -2.49 1.13 -1.77
C THR A 17 -1.63 2.35 -1.45
N ILE A 18 -1.94 3.48 -2.07
CA ILE A 18 -1.19 4.70 -1.82
C ILE A 18 -1.48 5.24 -0.42
N THR A 19 -0.51 5.95 0.14
CA THR A 19 -0.68 6.52 1.48
C THR A 19 -0.44 8.02 1.45
N LEU A 20 -1.07 8.74 2.37
CA LEU A 20 -0.92 10.19 2.44
C LEU A 20 -0.75 10.64 3.89
N SER A 21 -1.34 9.89 4.81
CA SER A 21 -1.27 10.22 6.23
C SER A 21 -2.24 11.34 6.57
N ARG A 22 -2.59 11.44 7.85
CA ARG A 22 -3.53 12.46 8.29
C ARG A 22 -2.94 13.85 8.08
N GLN A 1 6.17 -9.22 -2.70
CA GLN A 1 5.68 -8.28 -3.71
C GLN A 1 6.36 -6.92 -3.53
N TRP A 2 6.40 -6.15 -4.62
CA TRP A 2 7.02 -4.83 -4.59
C TRP A 2 5.97 -3.74 -4.73
N CYS A 3 5.92 -2.84 -3.76
CA CYS A 3 4.96 -1.74 -3.78
C CYS A 3 5.68 -0.40 -3.85
N GLN A 4 5.31 0.41 -4.83
CA GLN A 4 5.92 1.72 -5.03
C GLN A 4 5.91 2.52 -3.73
N PRO A 5 6.82 3.44 -3.55
CA PRO A 5 6.87 4.27 -2.32
C PRO A 5 5.61 5.13 -2.19
N GLY A 6 5.19 5.36 -0.95
CA GLY A 6 3.99 6.15 -0.72
C GLY A 6 2.77 5.23 -0.63
N TYR A 7 2.98 3.95 -0.95
CA TYR A 7 1.91 2.97 -0.90
C TYR A 7 2.14 2.02 0.26
N ALA A 8 1.07 1.54 0.87
CA ALA A 8 1.17 0.62 2.00
C ALA A 8 0.38 -0.66 1.76
N TYR A 9 1.00 -1.78 2.08
CA TYR A 9 0.37 -3.08 1.90
C TYR A 9 -0.91 -3.18 2.71
N ASN A 10 -1.98 -3.63 2.06
CA ASN A 10 -3.27 -3.80 2.72
C ASN A 10 -3.63 -5.29 2.77
N PRO A 11 -3.70 -5.89 3.95
CA PRO A 11 -4.04 -7.34 4.04
C PRO A 11 -5.50 -7.59 3.72
N VAL A 12 -6.34 -6.61 4.03
CA VAL A 12 -7.77 -6.73 3.75
C VAL A 12 -8.00 -6.82 2.25
N LEU A 13 -7.34 -5.96 1.49
CA LEU A 13 -7.47 -5.94 0.04
C LEU A 13 -6.52 -6.97 -0.60
N GLY A 14 -5.45 -7.28 0.12
CA GLY A 14 -4.46 -8.24 -0.38
C GLY A 14 -3.48 -7.57 -1.34
N ILE A 15 -3.67 -6.27 -1.55
CA ILE A 15 -2.78 -5.51 -2.44
C ILE A 15 -2.39 -4.18 -1.81
N CYS A 16 -1.45 -3.48 -2.44
CA CYS A 16 -1.01 -2.19 -1.91
C CYS A 16 -1.87 -1.06 -2.44
N THR A 17 -2.15 -0.10 -1.57
CA THR A 17 -2.96 1.05 -1.94
C THR A 17 -2.26 2.35 -1.55
N ILE A 18 -2.61 3.44 -2.22
CA ILE A 18 -1.98 4.72 -1.94
C ILE A 18 -2.39 5.21 -0.56
N THR A 19 -1.50 5.97 0.09
CA THR A 19 -1.77 6.51 1.41
C THR A 19 -1.49 8.00 1.44
N LEU A 20 -2.15 8.71 2.36
CA LEU A 20 -1.96 10.14 2.49
C LEU A 20 -1.41 10.47 3.87
N SER A 21 -0.28 11.18 3.90
CA SER A 21 0.35 11.55 5.16
C SER A 21 0.58 10.32 6.02
N ARG A 22 0.99 9.22 5.40
CA ARG A 22 1.24 7.97 6.13
C ARG A 22 0.04 7.61 6.98
N GLN A 1 6.40 -9.50 -3.51
CA GLN A 1 5.74 -8.46 -4.30
C GLN A 1 6.45 -7.12 -4.09
N TRP A 2 6.33 -6.24 -5.07
CA TRP A 2 6.95 -4.92 -5.01
C TRP A 2 5.88 -3.83 -5.06
N CYS A 3 5.87 -2.98 -4.04
CA CYS A 3 4.91 -1.89 -3.97
C CYS A 3 5.62 -0.54 -3.99
N GLN A 4 5.22 0.31 -4.92
CA GLN A 4 5.83 1.63 -5.07
C GLN A 4 5.87 2.35 -3.73
N PRO A 5 6.78 3.27 -3.54
CA PRO A 5 6.86 4.03 -2.26
C PRO A 5 5.62 4.89 -2.04
N GLY A 6 5.23 5.04 -0.78
CA GLY A 6 4.04 5.81 -0.46
C GLY A 6 2.82 4.90 -0.40
N TYR A 7 3.01 3.64 -0.81
CA TYR A 7 1.93 2.66 -0.78
C TYR A 7 2.20 1.64 0.32
N ALA A 8 1.12 1.15 0.94
CA ALA A 8 1.25 0.18 2.03
C ALA A 8 0.46 -1.09 1.72
N TYR A 9 1.09 -2.23 1.98
CA TYR A 9 0.45 -3.52 1.73
C TYR A 9 -0.82 -3.67 2.56
N ASN A 10 -1.89 -4.08 1.90
CA ASN A 10 -3.16 -4.29 2.58
C ASN A 10 -3.53 -5.77 2.55
N PRO A 11 -3.58 -6.45 3.69
CA PRO A 11 -3.92 -7.89 3.72
C PRO A 11 -5.40 -8.12 3.41
N VAL A 12 -6.23 -7.16 3.79
CA VAL A 12 -7.67 -7.26 3.54
C VAL A 12 -7.93 -7.26 2.03
N LEU A 13 -7.27 -6.36 1.32
CA LEU A 13 -7.44 -6.26 -0.12
C LEU A 13 -6.52 -7.25 -0.84
N GLY A 14 -5.43 -7.62 -0.17
CA GLY A 14 -4.48 -8.55 -0.75
C GLY A 14 -3.51 -7.83 -1.68
N ILE A 15 -3.67 -6.52 -1.81
CA ILE A 15 -2.82 -5.72 -2.68
C ILE A 15 -2.40 -4.43 -1.98
N CYS A 16 -1.47 -3.70 -2.59
CA CYS A 16 -1.00 -2.44 -2.00
C CYS A 16 -1.88 -1.29 -2.44
N THR A 17 -2.13 -0.36 -1.52
CA THR A 17 -2.96 0.80 -1.81
C THR A 17 -2.23 2.08 -1.37
N ILE A 18 -2.60 3.20 -1.97
CA ILE A 18 -1.97 4.47 -1.65
C ILE A 18 -2.36 4.90 -0.24
N THR A 19 -1.49 5.66 0.41
CA THR A 19 -1.75 6.13 1.77
C THR A 19 -1.54 7.64 1.84
N LEU A 20 -2.21 8.27 2.79
CA LEU A 20 -2.10 9.72 2.97
C LEU A 20 -1.63 10.04 4.38
N SER A 21 -0.52 10.78 4.47
CA SER A 21 0.02 11.16 5.76
C SER A 21 0.73 12.51 5.68
N ARG A 22 0.64 13.30 6.74
CA ARG A 22 1.27 14.61 6.78
C ARG A 22 1.90 14.87 8.13
N GLN A 1 5.82 -9.26 -2.87
CA GLN A 1 5.02 -8.32 -3.65
C GLN A 1 5.63 -6.92 -3.58
N TRP A 2 6.39 -6.56 -4.60
CA TRP A 2 7.03 -5.25 -4.64
C TRP A 2 5.98 -4.16 -4.82
N CYS A 3 6.05 -3.15 -3.94
CA CYS A 3 5.11 -2.03 -4.01
C CYS A 3 5.86 -0.71 -4.18
N GLN A 4 5.43 0.07 -5.17
CA GLN A 4 6.05 1.35 -5.46
C GLN A 4 6.11 2.22 -4.20
N PRO A 5 7.03 3.14 -4.12
CA PRO A 5 7.14 4.03 -2.94
C PRO A 5 5.91 4.93 -2.81
N GLY A 6 5.54 5.23 -1.58
CA GLY A 6 4.36 6.06 -1.34
C GLY A 6 3.12 5.17 -1.17
N TYR A 7 3.30 3.87 -1.43
CA TYR A 7 2.20 2.92 -1.30
C TYR A 7 2.47 2.02 -0.10
N ALA A 8 1.40 1.58 0.56
CA ALA A 8 1.53 0.72 1.74
C ALA A 8 0.70 -0.55 1.58
N TYR A 9 1.30 -1.67 1.95
CA TYR A 9 0.62 -2.96 1.85
C TYR A 9 -0.64 -2.97 2.71
N ASN A 10 -1.74 -3.43 2.11
CA ASN A 10 -3.01 -3.51 2.80
C ASN A 10 -3.45 -4.97 2.92
N PRO A 11 -3.51 -5.54 4.10
CA PRO A 11 -3.92 -6.97 4.26
C PRO A 11 -5.41 -7.14 4.00
N VAL A 12 -6.19 -6.10 4.32
CA VAL A 12 -7.62 -6.14 4.11
C VAL A 12 -7.93 -6.25 2.61
N LEU A 13 -7.24 -5.44 1.81
CA LEU A 13 -7.44 -5.44 0.36
C LEU A 13 -6.59 -6.53 -0.29
N GLY A 14 -5.53 -6.94 0.40
CA GLY A 14 -4.65 -7.99 -0.10
C GLY A 14 -3.60 -7.43 -1.06
N ILE A 15 -3.64 -6.13 -1.30
CA ILE A 15 -2.66 -5.51 -2.21
C ILE A 15 -2.22 -4.15 -1.67
N CYS A 16 -1.29 -3.51 -2.37
CA CYS A 16 -0.79 -2.20 -1.94
C CYS A 16 -1.64 -1.08 -2.52
N THR A 17 -1.90 -0.07 -1.71
CA THR A 17 -2.69 1.08 -2.13
C THR A 17 -1.95 2.37 -1.82
N ILE A 18 -2.28 3.43 -2.53
CA ILE A 18 -1.63 4.72 -2.32
C ILE A 18 -2.01 5.28 -0.95
N THR A 19 -1.09 6.02 -0.34
CA THR A 19 -1.35 6.62 0.97
C THR A 19 -1.03 8.10 0.94
N LEU A 20 -1.69 8.86 1.81
CA LEU A 20 -1.47 10.29 1.89
C LEU A 20 -1.34 10.73 3.35
N SER A 21 -1.88 9.93 4.25
CA SER A 21 -1.82 10.24 5.68
C SER A 21 -1.26 9.05 6.45
N ARG A 22 -0.58 9.34 7.55
CA ARG A 22 0.02 8.29 8.38
C ARG A 22 1.31 7.78 7.74
N GLN A 1 3.83 -9.73 -3.47
CA GLN A 1 3.35 -8.62 -4.28
C GLN A 1 4.32 -7.44 -4.20
N TRP A 2 4.37 -6.65 -5.26
CA TRP A 2 5.27 -5.49 -5.30
C TRP A 2 4.48 -4.19 -5.19
N CYS A 3 4.90 -3.32 -4.28
CA CYS A 3 4.23 -2.04 -4.07
C CYS A 3 5.16 -0.90 -4.44
N GLN A 4 4.57 0.20 -4.91
CA GLN A 4 5.34 1.38 -5.28
C GLN A 4 5.87 2.07 -4.03
N PRO A 5 6.84 2.92 -4.17
CA PRO A 5 7.41 3.65 -3.01
C PRO A 5 6.38 4.59 -2.40
N GLY A 6 6.33 4.65 -1.07
CA GLY A 6 5.37 5.49 -0.39
C GLY A 6 4.08 4.72 -0.13
N TYR A 7 4.00 3.51 -0.70
CA TYR A 7 2.82 2.67 -0.53
C TYR A 7 3.17 1.44 0.30
N ALA A 8 2.23 0.98 1.12
CA ALA A 8 2.44 -0.18 1.97
C ALA A 8 1.52 -1.32 1.54
N TYR A 9 2.08 -2.52 1.42
CA TYR A 9 1.31 -3.68 1.02
C TYR A 9 0.22 -4.00 2.05
N ASN A 10 -1.00 -4.18 1.57
CA ASN A 10 -2.12 -4.49 2.44
C ASN A 10 -2.62 -5.92 2.18
N PRO A 11 -2.46 -6.85 3.08
CA PRO A 11 -2.92 -8.25 2.86
C PRO A 11 -4.44 -8.35 2.97
N VAL A 12 -5.02 -7.50 3.83
CA VAL A 12 -6.46 -7.49 4.01
C VAL A 12 -7.16 -7.05 2.74
N LEU A 13 -6.64 -5.99 2.11
CA LEU A 13 -7.23 -5.47 0.89
C LEU A 13 -6.74 -6.26 -0.32
N GLY A 14 -5.58 -6.91 -0.15
CA GLY A 14 -4.99 -7.72 -1.23
C GLY A 14 -4.21 -6.89 -2.23
N ILE A 15 -4.10 -5.57 -2.00
CA ILE A 15 -3.35 -4.71 -2.91
C ILE A 15 -2.50 -3.70 -2.14
N CYS A 16 -1.79 -2.86 -2.88
CA CYS A 16 -0.94 -1.85 -2.25
C CYS A 16 -1.75 -0.57 -2.01
N THR A 17 -1.56 0.02 -0.83
CA THR A 17 -2.29 1.25 -0.50
C THR A 17 -1.32 2.34 -0.03
N ILE A 18 -1.75 3.59 -0.16
CA ILE A 18 -0.93 4.72 0.24
C ILE A 18 -0.99 4.93 1.76
N THR A 19 0.14 5.31 2.34
CA THR A 19 0.22 5.53 3.78
C THR A 19 0.30 7.02 4.09
N LEU A 20 0.11 7.81 3.07
CA LEU A 20 0.17 9.26 3.21
C LEU A 20 -1.23 9.86 3.10
N SER A 21 -1.63 10.61 4.13
CA SER A 21 -2.95 11.23 4.14
C SER A 21 -2.91 12.53 4.96
N ARG A 22 -3.67 13.52 4.49
CA ARG A 22 -3.71 14.81 5.19
C ARG A 22 -5.02 15.54 4.88
N GLN A 1 3.58 -9.12 -1.75
CA GLN A 1 3.54 -8.53 -3.08
C GLN A 1 4.33 -7.23 -3.12
N TRP A 2 5.08 -7.02 -4.20
CA TRP A 2 5.88 -5.82 -4.35
C TRP A 2 4.98 -4.60 -4.48
N CYS A 3 5.31 -3.54 -3.74
CA CYS A 3 4.53 -2.30 -3.79
C CYS A 3 5.40 -1.14 -4.24
N GLN A 4 4.78 -0.17 -4.90
CA GLN A 4 5.49 1.00 -5.38
C GLN A 4 5.84 1.91 -4.21
N PRO A 5 6.77 2.81 -4.39
CA PRO A 5 7.17 3.75 -3.31
C PRO A 5 6.03 4.70 -2.96
N GLY A 6 5.84 4.94 -1.67
CA GLY A 6 4.76 5.81 -1.22
C GLY A 6 3.48 5.00 -0.99
N TYR A 7 3.53 3.73 -1.37
CA TYR A 7 2.39 2.84 -1.20
C TYR A 7 2.71 1.77 -0.17
N ALA A 8 1.71 1.41 0.63
CA ALA A 8 1.90 0.39 1.68
C ALA A 8 1.10 -0.86 1.35
N TYR A 9 1.74 -2.01 1.49
CA TYR A 9 1.08 -3.28 1.21
C TYR A 9 -0.08 -3.51 2.16
N ASN A 10 -1.23 -3.86 1.59
CA ASN A 10 -2.42 -4.14 2.39
C ASN A 10 -2.81 -5.62 2.27
N PRO A 11 -2.71 -6.39 3.33
CA PRO A 11 -3.07 -7.83 3.26
C PRO A 11 -4.59 -8.03 3.20
N VAL A 12 -5.31 -7.12 3.85
CA VAL A 12 -6.77 -7.19 3.86
C VAL A 12 -7.32 -6.99 2.46
N LEU A 13 -6.79 -5.98 1.75
CA LEU A 13 -7.23 -5.69 0.40
C LEU A 13 -6.56 -6.62 -0.60
N GLY A 14 -5.38 -7.14 -0.23
CA GLY A 14 -4.65 -8.06 -1.09
C GLY A 14 -3.76 -7.34 -2.11
N ILE A 15 -3.75 -6.00 -2.08
CA ILE A 15 -2.93 -5.24 -3.02
C ILE A 15 -2.27 -4.06 -2.33
N CYS A 16 -1.48 -3.30 -3.09
CA CYS A 16 -0.79 -2.14 -2.54
C CYS A 16 -1.68 -0.89 -2.65
N THR A 17 -1.74 -0.11 -1.58
CA THR A 17 -2.56 1.10 -1.58
C THR A 17 -1.73 2.31 -1.15
N ILE A 18 -2.16 3.49 -1.59
CA ILE A 18 -1.46 4.73 -1.27
C ILE A 18 -1.66 5.08 0.20
N THR A 19 -0.71 5.82 0.77
CA THR A 19 -0.80 6.23 2.15
C THR A 19 -0.49 7.72 2.27
N LEU A 20 -1.12 8.37 3.25
CA LEU A 20 -0.90 9.79 3.46
C LEU A 20 -0.83 10.11 4.95
N SER A 21 0.00 11.09 5.30
CA SER A 21 0.14 11.49 6.69
C SER A 21 -1.17 12.05 7.24
N ARG A 22 -2.02 12.54 6.33
CA ARG A 22 -3.31 13.10 6.73
C ARG A 22 -4.42 12.08 6.54
N GLN A 1 4.86 -9.40 -3.16
CA GLN A 1 3.94 -8.36 -2.69
C GLN A 1 4.64 -7.01 -2.63
N TRP A 2 5.54 -6.78 -3.58
CA TRP A 2 6.28 -5.52 -3.62
C TRP A 2 5.35 -4.34 -3.90
N CYS A 3 5.51 -3.26 -3.13
CA CYS A 3 4.69 -2.07 -3.31
C CYS A 3 5.55 -0.89 -3.74
N GLN A 4 4.95 0.02 -4.50
CA GLN A 4 5.66 1.19 -4.98
C GLN A 4 5.81 2.21 -3.85
N PRO A 5 6.70 3.15 -4.00
CA PRO A 5 6.91 4.19 -2.95
C PRO A 5 5.68 5.08 -2.82
N GLY A 6 5.33 5.42 -1.59
CA GLY A 6 4.16 6.24 -1.34
C GLY A 6 2.92 5.36 -1.16
N TYR A 7 3.09 4.06 -1.42
CA TYR A 7 2.00 3.10 -1.30
C TYR A 7 2.27 2.15 -0.14
N ALA A 8 1.22 1.76 0.57
CA ALA A 8 1.35 0.86 1.70
C ALA A 8 0.69 -0.49 1.40
N TYR A 9 1.39 -1.57 1.72
CA TYR A 9 0.85 -2.90 1.48
C TYR A 9 -0.40 -3.14 2.31
N ASN A 10 -1.44 -3.64 1.66
CA ASN A 10 -2.69 -3.93 2.33
C ASN A 10 -2.98 -5.44 2.32
N PRO A 11 -2.94 -6.11 3.44
CA PRO A 11 -3.20 -7.57 3.47
C PRO A 11 -4.68 -7.88 3.29
N VAL A 12 -5.52 -6.97 3.78
CA VAL A 12 -6.96 -7.14 3.65
C VAL A 12 -7.38 -7.09 2.18
N LEU A 13 -6.84 -6.12 1.44
CA LEU A 13 -7.17 -5.98 0.03
C LEU A 13 -6.33 -6.93 -0.82
N GLY A 14 -5.18 -7.34 -0.26
CA GLY A 14 -4.29 -8.27 -0.96
C GLY A 14 -3.38 -7.56 -1.96
N ILE A 15 -3.45 -6.24 -2.02
CA ILE A 15 -2.61 -5.48 -2.94
C ILE A 15 -2.07 -4.21 -2.29
N CYS A 16 -1.28 -3.45 -3.04
CA CYS A 16 -0.71 -2.21 -2.52
C CYS A 16 -1.68 -1.05 -2.78
N THR A 17 -1.88 -0.21 -1.77
CA THR A 17 -2.79 0.93 -1.91
C THR A 17 -2.09 2.23 -1.53
N ILE A 18 -2.57 3.33 -2.08
CA ILE A 18 -1.98 4.64 -1.81
C ILE A 18 -2.31 5.09 -0.40
N THR A 19 -1.46 5.97 0.14
CA THR A 19 -1.67 6.50 1.49
C THR A 19 -1.58 8.01 1.48
N LEU A 20 -2.18 8.64 2.49
CA LEU A 20 -2.18 10.09 2.59
C LEU A 20 -1.73 10.54 3.98
N SER A 21 -1.77 9.61 4.93
CA SER A 21 -1.38 9.92 6.30
C SER A 21 0.10 10.31 6.36
N ARG A 22 0.41 11.32 7.16
CA ARG A 22 1.78 11.78 7.28
C ARG A 22 2.05 12.30 8.70
N GLN A 1 5.20 -10.05 -1.92
CA GLN A 1 4.43 -8.89 -2.33
C GLN A 1 5.33 -7.66 -2.49
N TRP A 2 5.04 -6.84 -3.49
CA TRP A 2 5.84 -5.65 -3.74
C TRP A 2 4.93 -4.47 -4.10
N CYS A 3 5.17 -3.33 -3.45
CA CYS A 3 4.39 -2.12 -3.71
C CYS A 3 5.29 -0.99 -4.18
N GLN A 4 4.73 -0.12 -5.01
CA GLN A 4 5.48 1.03 -5.54
C GLN A 4 5.77 2.03 -4.42
N PRO A 5 6.75 2.89 -4.55
CA PRO A 5 7.07 3.91 -3.50
C PRO A 5 5.86 4.76 -3.15
N GLY A 6 5.66 5.01 -1.85
CA GLY A 6 4.54 5.83 -1.40
C GLY A 6 3.27 5.00 -1.19
N TYR A 7 3.39 3.69 -1.39
CA TYR A 7 2.24 2.78 -1.22
C TYR A 7 2.54 1.73 -0.16
N ALA A 8 1.53 1.38 0.63
CA ALA A 8 1.68 0.38 1.68
C ALA A 8 0.90 -0.87 1.31
N TYR A 9 1.57 -2.03 1.39
CA TYR A 9 0.92 -3.29 1.06
C TYR A 9 -0.23 -3.58 2.02
N ASN A 10 -1.38 -3.92 1.46
CA ASN A 10 -2.55 -4.24 2.27
C ASN A 10 -2.89 -5.74 2.14
N PRO A 11 -2.75 -6.52 3.19
CA PRO A 11 -3.06 -7.97 3.11
C PRO A 11 -4.57 -8.22 3.04
N VAL A 12 -5.32 -7.33 3.69
CA VAL A 12 -6.78 -7.45 3.70
C VAL A 12 -7.33 -7.26 2.28
N LEU A 13 -6.83 -6.24 1.60
CA LEU A 13 -7.29 -5.95 0.24
C LEU A 13 -6.55 -6.83 -0.76
N GLY A 14 -5.34 -7.25 -0.40
CA GLY A 14 -4.54 -8.10 -1.27
C GLY A 14 -3.79 -7.28 -2.33
N ILE A 15 -3.92 -5.96 -2.25
CA ILE A 15 -3.26 -5.07 -3.21
C ILE A 15 -2.56 -3.91 -2.49
N CYS A 16 -1.80 -3.13 -3.25
CA CYS A 16 -1.08 -1.99 -2.68
C CYS A 16 -1.97 -0.75 -2.68
N THR A 17 -1.96 -0.01 -1.57
CA THR A 17 -2.76 1.20 -1.47
C THR A 17 -1.91 2.39 -1.07
N ILE A 18 -2.32 3.58 -1.49
CA ILE A 18 -1.57 4.79 -1.20
C ILE A 18 -1.73 5.17 0.28
N THR A 19 -0.73 5.85 0.82
CA THR A 19 -0.77 6.28 2.20
C THR A 19 -0.38 7.75 2.30
N LEU A 20 -0.95 8.43 3.29
CA LEU A 20 -0.66 9.84 3.48
C LEU A 20 -0.51 10.16 4.97
N SER A 21 0.36 11.11 5.29
CA SER A 21 0.57 11.51 6.67
C SER A 21 -0.70 12.09 7.27
N ARG A 22 -1.58 12.59 6.40
CA ARG A 22 -2.83 13.18 6.84
C ARG A 22 -3.64 12.18 7.67
N GLN A 1 2.47 -8.60 -3.00
CA GLN A 1 2.70 -8.06 -4.34
C GLN A 1 3.60 -6.83 -4.27
N TRP A 2 4.22 -6.50 -5.40
CA TRP A 2 5.11 -5.34 -5.46
C TRP A 2 4.31 -4.05 -5.26
N CYS A 3 4.82 -3.18 -4.39
CA CYS A 3 4.15 -1.90 -4.12
C CYS A 3 5.08 -0.74 -4.48
N GLN A 4 4.48 0.37 -4.88
CA GLN A 4 5.24 1.56 -5.24
C GLN A 4 5.83 2.20 -3.98
N PRO A 5 6.80 3.04 -4.13
CA PRO A 5 7.42 3.73 -2.96
C PRO A 5 6.42 4.66 -2.29
N GLY A 6 6.43 4.66 -0.95
CA GLY A 6 5.49 5.49 -0.20
C GLY A 6 4.20 4.73 0.07
N TYR A 7 4.09 3.54 -0.53
CA TYR A 7 2.91 2.69 -0.36
C TYR A 7 3.27 1.42 0.41
N ALA A 8 2.36 0.97 1.25
CA ALA A 8 2.59 -0.24 2.03
C ALA A 8 1.64 -1.35 1.59
N TYR A 9 2.18 -2.55 1.42
CA TYR A 9 1.38 -3.69 1.00
C TYR A 9 0.32 -4.03 2.04
N ASN A 10 -0.92 -4.19 1.60
CA ASN A 10 -2.01 -4.53 2.49
C ASN A 10 -2.54 -5.92 2.16
N PRO A 11 -2.37 -6.91 3.02
CA PRO A 11 -2.87 -8.28 2.75
C PRO A 11 -4.38 -8.37 2.89
N VAL A 12 -4.91 -7.56 3.82
CA VAL A 12 -6.36 -7.53 4.05
C VAL A 12 -7.08 -7.02 2.80
N LEU A 13 -6.57 -5.94 2.23
CA LEU A 13 -7.18 -5.35 1.04
C LEU A 13 -6.73 -6.10 -0.22
N GLY A 14 -5.59 -6.77 -0.12
CA GLY A 14 -5.06 -7.55 -1.24
C GLY A 14 -4.27 -6.68 -2.23
N ILE A 15 -4.14 -5.39 -1.93
CA ILE A 15 -3.40 -4.50 -2.83
C ILE A 15 -2.53 -3.53 -2.03
N CYS A 16 -1.80 -2.67 -2.75
CA CYS A 16 -0.93 -1.70 -2.10
C CYS A 16 -1.70 -0.42 -1.81
N THR A 17 -1.51 0.14 -0.61
CA THR A 17 -2.21 1.36 -0.22
C THR A 17 -1.23 2.41 0.28
N ILE A 18 -1.63 3.67 0.20
CA ILE A 18 -0.78 4.77 0.63
C ILE A 18 -0.80 4.91 2.15
N THR A 19 0.36 5.24 2.73
CA THR A 19 0.46 5.39 4.18
C THR A 19 0.53 6.86 4.57
N LEU A 20 0.32 7.71 3.59
CA LEU A 20 0.36 9.15 3.79
C LEU A 20 -1.04 9.74 3.71
N SER A 21 -1.46 10.42 4.78
CA SER A 21 -2.79 11.03 4.80
C SER A 21 -2.87 12.20 3.82
N ARG A 22 -4.05 12.41 3.25
CA ARG A 22 -4.25 13.49 2.30
C ARG A 22 -5.73 13.84 2.19
N GLN A 1 5.44 -10.10 -2.40
CA GLN A 1 4.68 -8.88 -2.18
C GLN A 1 5.57 -7.66 -2.36
N TRP A 2 5.24 -6.83 -3.34
CA TRP A 2 6.02 -5.63 -3.61
C TRP A 2 5.11 -4.47 -3.96
N CYS A 3 5.34 -3.32 -3.31
CA CYS A 3 4.54 -2.12 -3.56
C CYS A 3 5.42 -1.00 -4.08
N GLN A 4 4.85 -0.14 -4.91
CA GLN A 4 5.59 1.00 -5.46
C GLN A 4 5.85 2.02 -4.36
N PRO A 5 6.81 2.87 -4.53
CA PRO A 5 7.13 3.90 -3.52
C PRO A 5 5.96 4.86 -3.32
N GLY A 6 5.71 5.23 -2.07
CA GLY A 6 4.59 6.12 -1.75
C GLY A 6 3.32 5.32 -1.48
N TYR A 7 3.41 4.01 -1.71
CA TYR A 7 2.26 3.12 -1.48
C TYR A 7 2.57 2.14 -0.35
N ALA A 8 1.55 1.82 0.44
CA ALA A 8 1.70 0.90 1.55
C ALA A 8 0.94 -0.40 1.28
N TYR A 9 1.60 -1.53 1.53
CA TYR A 9 0.96 -2.82 1.30
C TYR A 9 -0.24 -3.01 2.21
N ASN A 10 -1.35 -3.43 1.63
CA ASN A 10 -2.57 -3.64 2.40
C ASN A 10 -2.94 -5.14 2.39
N PRO A 11 -2.86 -5.83 3.51
CA PRO A 11 -3.20 -7.27 3.55
C PRO A 11 -4.71 -7.48 3.48
N VAL A 12 -5.46 -6.53 4.04
CA VAL A 12 -6.91 -6.60 4.03
C VAL A 12 -7.44 -6.52 2.60
N LEU A 13 -6.88 -5.59 1.81
CA LEU A 13 -7.31 -5.41 0.43
C LEU A 13 -6.59 -6.40 -0.48
N GLY A 14 -5.43 -6.89 -0.02
CA GLY A 14 -4.66 -7.85 -0.78
C GLY A 14 -3.76 -7.19 -1.84
N ILE A 15 -3.78 -5.86 -1.90
CA ILE A 15 -2.96 -5.14 -2.87
C ILE A 15 -2.31 -3.91 -2.24
N CYS A 16 -1.54 -3.17 -3.04
CA CYS A 16 -0.87 -1.98 -2.56
C CYS A 16 -1.77 -0.76 -2.75
N THR A 17 -1.86 0.09 -1.72
CA THR A 17 -2.69 1.29 -1.80
C THR A 17 -1.90 2.53 -1.43
N ILE A 18 -2.31 3.67 -1.97
CA ILE A 18 -1.63 4.93 -1.72
C ILE A 18 -1.89 5.40 -0.29
N THR A 19 -0.96 6.19 0.23
CA THR A 19 -1.09 6.71 1.60
C THR A 19 -0.90 8.22 1.61
N LEU A 20 -1.42 8.87 2.63
CA LEU A 20 -1.31 10.32 2.75
C LEU A 20 -0.94 10.71 4.18
N SER A 21 -1.95 10.92 5.02
CA SER A 21 -1.72 11.29 6.41
C SER A 21 -1.03 10.16 7.15
N ARG A 22 -1.18 8.94 6.65
CA ARG A 22 -0.55 7.78 7.27
C ARG A 22 -0.74 6.54 6.41
N GLN A 1 3.78 -9.17 -1.56
CA GLN A 1 3.71 -8.58 -2.90
C GLN A 1 4.48 -7.26 -2.95
N TRP A 2 5.24 -7.08 -4.02
CA TRP A 2 6.02 -5.86 -4.18
C TRP A 2 5.11 -4.65 -4.38
N CYS A 3 5.38 -3.58 -3.64
CA CYS A 3 4.59 -2.36 -3.73
C CYS A 3 5.46 -1.20 -4.21
N GLN A 4 4.85 -0.26 -4.92
CA GLN A 4 5.56 0.90 -5.41
C GLN A 4 5.88 1.85 -4.26
N PRO A 5 6.81 2.74 -4.44
CA PRO A 5 7.18 3.72 -3.38
C PRO A 5 6.02 4.66 -3.08
N GLY A 6 5.80 4.94 -1.81
CA GLY A 6 4.70 5.82 -1.41
C GLY A 6 3.44 5.01 -1.18
N TYR A 7 3.50 3.71 -1.52
CA TYR A 7 2.36 2.81 -1.35
C TYR A 7 2.67 1.79 -0.26
N ALA A 8 1.65 1.44 0.51
CA ALA A 8 1.82 0.47 1.59
C ALA A 8 1.04 -0.80 1.28
N TYR A 9 1.68 -1.95 1.47
CA TYR A 9 1.04 -3.23 1.22
C TYR A 9 -0.15 -3.43 2.14
N ASN A 10 -1.28 -3.81 1.55
CA ASN A 10 -2.49 -4.05 2.33
C ASN A 10 -2.87 -5.53 2.27
N PRO A 11 -2.79 -6.26 3.37
CA PRO A 11 -3.13 -7.71 3.36
C PRO A 11 -4.64 -7.91 3.29
N VAL A 12 -5.38 -6.98 3.88
CA VAL A 12 -6.83 -7.04 3.86
C VAL A 12 -7.35 -6.91 2.45
N LEU A 13 -6.81 -5.95 1.70
CA LEU A 13 -7.24 -5.73 0.32
C LEU A 13 -6.52 -6.69 -0.63
N GLY A 14 -5.35 -7.18 -0.19
CA GLY A 14 -4.58 -8.12 -1.00
C GLY A 14 -3.70 -7.42 -2.04
N ILE A 15 -3.72 -6.10 -2.07
CA ILE A 15 -2.90 -5.35 -3.03
C ILE A 15 -2.25 -4.14 -2.37
N CYS A 16 -1.44 -3.42 -3.13
CA CYS A 16 -0.77 -2.24 -2.61
C CYS A 16 -1.65 -1.01 -2.78
N THR A 17 -1.74 -0.19 -1.73
CA THR A 17 -2.57 1.01 -1.78
C THR A 17 -1.77 2.25 -1.37
N ILE A 18 -2.19 3.40 -1.85
CA ILE A 18 -1.51 4.65 -1.55
C ILE A 18 -1.75 5.06 -0.09
N THR A 19 -0.81 5.80 0.47
CA THR A 19 -0.93 6.25 1.84
C THR A 19 -0.64 7.73 1.92
N LEU A 20 -1.28 8.40 2.87
CA LEU A 20 -1.09 9.84 3.04
C LEU A 20 -1.06 10.21 4.52
N SER A 21 -0.25 11.20 4.87
CA SER A 21 -0.15 11.64 6.26
C SER A 21 -1.42 12.37 6.67
N ARG A 22 -1.63 12.48 7.98
CA ARG A 22 -2.82 13.17 8.50
C ARG A 22 -2.54 14.66 8.66
N GLN A 1 4.20 -9.18 -3.12
CA GLN A 1 3.48 -8.17 -2.37
C GLN A 1 4.28 -6.88 -2.30
N TRP A 2 5.18 -6.70 -3.27
CA TRP A 2 6.01 -5.51 -3.33
C TRP A 2 5.19 -4.27 -3.68
N CYS A 3 5.39 -3.20 -2.92
CA CYS A 3 4.66 -1.95 -3.16
C CYS A 3 5.64 -0.84 -3.57
N GLN A 4 5.24 -0.05 -4.56
CA GLN A 4 6.07 1.04 -5.04
C GLN A 4 6.10 2.19 -4.02
N PRO A 5 7.09 3.07 -4.05
CA PRO A 5 7.15 4.21 -3.09
C PRO A 5 5.86 5.04 -3.12
N GLY A 6 5.41 5.47 -1.95
CA GLY A 6 4.18 6.26 -1.85
C GLY A 6 2.97 5.36 -1.66
N TYR A 7 3.19 4.05 -1.79
CA TYR A 7 2.12 3.08 -1.61
C TYR A 7 2.42 2.16 -0.43
N ALA A 8 1.40 1.83 0.34
CA ALA A 8 1.55 0.97 1.51
C ALA A 8 0.83 -0.35 1.28
N TYR A 9 1.51 -1.45 1.60
CA TYR A 9 0.92 -2.77 1.42
C TYR A 9 -0.31 -2.94 2.29
N ASN A 10 -1.39 -3.41 1.69
CA ASN A 10 -2.63 -3.64 2.43
C ASN A 10 -2.96 -5.14 2.47
N PRO A 11 -2.90 -5.77 3.63
CA PRO A 11 -3.20 -7.22 3.73
C PRO A 11 -4.69 -7.50 3.59
N VAL A 12 -5.50 -6.55 4.05
CA VAL A 12 -6.95 -6.68 3.96
C VAL A 12 -7.39 -6.70 2.50
N LEU A 13 -6.84 -5.79 1.72
CA LEU A 13 -7.19 -5.70 0.30
C LEU A 13 -6.37 -6.70 -0.51
N GLY A 14 -5.22 -7.08 0.02
CA GLY A 14 -4.34 -8.06 -0.64
C GLY A 14 -3.45 -7.40 -1.69
N ILE A 15 -3.53 -6.08 -1.84
CA ILE A 15 -2.68 -5.38 -2.81
C ILE A 15 -2.14 -4.08 -2.24
N CYS A 16 -1.32 -3.40 -3.03
CA CYS A 16 -0.73 -2.13 -2.58
C CYS A 16 -1.68 -0.98 -2.86
N THR A 17 -1.81 -0.06 -1.90
CA THR A 17 -2.69 1.09 -2.06
C THR A 17 -1.95 2.39 -1.77
N ILE A 18 -2.42 3.48 -2.36
CA ILE A 18 -1.79 4.78 -2.16
C ILE A 18 -2.12 5.33 -0.78
N THR A 19 -1.20 6.14 -0.24
CA THR A 19 -1.40 6.74 1.07
C THR A 19 -1.16 8.24 1.01
N LEU A 20 -1.76 8.97 1.94
CA LEU A 20 -1.61 10.42 1.99
C LEU A 20 -0.99 10.84 3.31
N SER A 21 -1.38 10.17 4.38
CA SER A 21 -0.85 10.48 5.70
C SER A 21 -0.90 9.24 6.60
N ARG A 22 -0.12 9.27 7.68
CA ARG A 22 -0.09 8.14 8.61
C ARG A 22 -1.00 8.40 9.80
N GLN A 1 5.42 -9.56 -4.00
CA GLN A 1 4.59 -8.49 -4.57
C GLN A 1 5.25 -7.14 -4.36
N TRP A 2 6.03 -6.72 -5.35
CA TRP A 2 6.72 -5.43 -5.28
C TRP A 2 5.72 -4.28 -5.32
N CYS A 3 5.84 -3.36 -4.36
CA CYS A 3 4.96 -2.21 -4.30
C CYS A 3 5.76 -0.91 -4.37
N GLN A 4 5.36 -0.04 -5.30
CA GLN A 4 6.03 1.22 -5.50
C GLN A 4 6.15 1.98 -4.18
N PRO A 5 7.12 2.86 -4.05
CA PRO A 5 7.29 3.65 -2.80
C PRO A 5 6.10 4.58 -2.58
N GLY A 6 5.77 4.81 -1.32
CA GLY A 6 4.63 5.66 -0.98
C GLY A 6 3.37 4.81 -0.84
N TYR A 7 3.49 3.52 -1.19
CA TYR A 7 2.37 2.60 -1.09
C TYR A 7 2.64 1.60 0.03
N ALA A 8 1.57 1.17 0.70
CA ALA A 8 1.71 0.23 1.80
C ALA A 8 0.84 -1.01 1.58
N TYR A 9 1.42 -2.17 1.83
CA TYR A 9 0.70 -3.43 1.66
C TYR A 9 -0.54 -3.49 2.56
N ASN A 10 -1.67 -3.85 1.97
CA ASN A 10 -2.91 -3.96 2.73
C ASN A 10 -3.35 -5.43 2.77
N PRO A 11 -3.37 -6.06 3.93
CA PRO A 11 -3.78 -7.49 4.01
C PRO A 11 -5.29 -7.64 3.80
N VAL A 12 -6.04 -6.63 4.19
CA VAL A 12 -7.49 -6.66 4.02
C VAL A 12 -7.83 -6.69 2.54
N LEU A 13 -7.18 -5.85 1.75
CA LEU A 13 -7.42 -5.79 0.32
C LEU A 13 -6.59 -6.84 -0.41
N GLY A 14 -5.48 -7.24 0.21
CA GLY A 14 -4.59 -8.23 -0.38
C GLY A 14 -3.64 -7.60 -1.39
N ILE A 15 -3.76 -6.28 -1.55
CA ILE A 15 -2.91 -5.55 -2.49
C ILE A 15 -2.39 -4.26 -1.85
N CYS A 16 -1.46 -3.59 -2.53
CA CYS A 16 -0.90 -2.35 -2.00
C CYS A 16 -1.73 -1.15 -2.45
N THR A 17 -1.88 -0.20 -1.53
CA THR A 17 -2.65 1.01 -1.81
C THR A 17 -1.83 2.24 -1.44
N ILE A 18 -2.16 3.38 -2.05
CA ILE A 18 -1.44 4.62 -1.78
C ILE A 18 -1.73 5.10 -0.38
N THR A 19 -0.74 5.74 0.24
CA THR A 19 -0.91 6.27 1.59
C THR A 19 -0.52 7.75 1.63
N LEU A 20 -1.10 8.49 2.58
CA LEU A 20 -0.82 9.90 2.71
C LEU A 20 -0.75 10.31 4.18
N SER A 21 -0.31 11.54 4.43
CA SER A 21 -0.20 12.05 5.80
C SER A 21 -1.59 12.32 6.37
N ARG A 22 -1.72 12.15 7.68
CA ARG A 22 -3.01 12.39 8.34
C ARG A 22 -4.15 11.77 7.54
N GLN A 1 4.20 -9.59 -2.14
CA GLN A 1 3.61 -8.65 -3.08
C GLN A 1 4.40 -7.35 -3.12
N TRP A 2 5.16 -7.16 -4.19
CA TRP A 2 5.96 -5.95 -4.35
C TRP A 2 5.07 -4.73 -4.53
N CYS A 3 5.37 -3.67 -3.78
CA CYS A 3 4.60 -2.43 -3.86
C CYS A 3 5.49 -1.28 -4.34
N GLN A 4 4.88 -0.32 -5.02
CA GLN A 4 5.62 0.83 -5.52
C GLN A 4 5.96 1.77 -4.37
N PRO A 5 6.90 2.65 -4.56
CA PRO A 5 7.29 3.62 -3.50
C PRO A 5 6.15 4.57 -3.19
N GLY A 6 5.95 4.87 -1.91
CA GLY A 6 4.87 5.76 -1.51
C GLY A 6 3.60 4.96 -1.25
N TYR A 7 3.65 3.67 -1.59
CA TYR A 7 2.50 2.78 -1.39
C TYR A 7 2.81 1.74 -0.32
N ALA A 8 1.80 1.40 0.47
CA ALA A 8 1.99 0.42 1.54
C ALA A 8 1.17 -0.83 1.26
N TYR A 9 1.79 -1.99 1.44
CA TYR A 9 1.11 -3.26 1.20
C TYR A 9 -0.06 -3.43 2.16
N ASN A 10 -1.22 -3.79 1.60
CA ASN A 10 -2.41 -3.99 2.40
C ASN A 10 -2.82 -5.47 2.36
N PRO A 11 -2.74 -6.20 3.44
CA PRO A 11 -3.13 -7.63 3.45
C PRO A 11 -4.64 -7.80 3.39
N VAL A 12 -5.36 -6.86 3.99
CA VAL A 12 -6.81 -6.90 3.98
C VAL A 12 -7.35 -6.74 2.57
N LEU A 13 -6.79 -5.79 1.83
CA LEU A 13 -7.24 -5.54 0.46
C LEU A 13 -6.57 -6.52 -0.50
N GLY A 14 -5.41 -7.04 -0.09
CA GLY A 14 -4.68 -8.01 -0.91
C GLY A 14 -3.80 -7.34 -1.97
N ILE A 15 -3.78 -6.01 -2.00
CA ILE A 15 -2.96 -5.30 -2.97
C ILE A 15 -2.27 -4.09 -2.33
N CYS A 16 -1.45 -3.40 -3.11
CA CYS A 16 -0.73 -2.23 -2.61
C CYS A 16 -1.61 -0.99 -2.76
N THR A 17 -1.65 -0.16 -1.70
CA THR A 17 -2.47 1.05 -1.74
C THR A 17 -1.64 2.27 -1.33
N ILE A 18 -2.08 3.44 -1.80
CA ILE A 18 -1.36 4.67 -1.50
C ILE A 18 -1.59 5.09 -0.05
N THR A 19 -0.64 5.84 0.49
CA THR A 19 -0.74 6.31 1.87
C THR A 19 -0.51 7.81 1.93
N LEU A 20 -1.03 8.43 2.98
CA LEU A 20 -0.89 9.88 3.16
C LEU A 20 -1.01 10.25 4.64
N SER A 21 -0.48 11.43 4.99
CA SER A 21 -0.54 11.89 6.37
C SER A 21 -1.97 12.28 6.74
N ARG A 22 -2.25 12.33 8.03
CA ARG A 22 -3.58 12.69 8.50
C ARG A 22 -3.48 13.61 9.73
N GLN A 1 4.65 -10.34 -4.01
CA GLN A 1 4.10 -9.20 -3.30
C GLN A 1 5.08 -8.02 -3.34
N TRP A 2 4.78 -7.05 -4.19
CA TRP A 2 5.64 -5.87 -4.31
C TRP A 2 4.81 -4.61 -4.47
N CYS A 3 5.16 -3.57 -3.73
CA CYS A 3 4.45 -2.29 -3.81
C CYS A 3 5.37 -1.18 -4.27
N GLN A 4 4.79 -0.19 -4.96
CA GLN A 4 5.55 0.94 -5.45
C GLN A 4 5.92 1.86 -4.30
N PRO A 5 6.87 2.73 -4.49
CA PRO A 5 7.28 3.68 -3.42
C PRO A 5 6.15 4.65 -3.10
N GLY A 6 5.96 4.93 -1.81
CA GLY A 6 4.89 5.83 -1.39
C GLY A 6 3.62 5.04 -1.14
N TYR A 7 3.65 3.75 -1.49
CA TYR A 7 2.48 2.87 -1.30
C TYR A 7 2.80 1.82 -0.25
N ALA A 8 1.79 1.46 0.53
CA ALA A 8 1.96 0.45 1.59
C ALA A 8 1.15 -0.79 1.27
N TYR A 9 1.78 -1.95 1.42
CA TYR A 9 1.09 -3.21 1.16
C TYR A 9 -0.07 -3.42 2.11
N ASN A 10 -1.23 -3.76 1.55
CA ASN A 10 -2.42 -4.00 2.36
C ASN A 10 -2.82 -5.48 2.30
N PRO A 11 -2.71 -6.23 3.37
CA PRO A 11 -3.10 -7.66 3.35
C PRO A 11 -4.61 -7.85 3.33
N VAL A 12 -5.31 -6.91 3.96
CA VAL A 12 -6.76 -6.95 3.99
C VAL A 12 -7.34 -6.79 2.59
N LEU A 13 -6.80 -5.82 1.84
CA LEU A 13 -7.27 -5.57 0.49
C LEU A 13 -6.60 -6.52 -0.50
N GLY A 14 -5.44 -7.04 -0.11
CA GLY A 14 -4.71 -7.99 -0.97
C GLY A 14 -3.86 -7.28 -2.02
N ILE A 15 -3.84 -5.95 -2.00
CA ILE A 15 -3.04 -5.20 -2.97
C ILE A 15 -2.33 -4.02 -2.30
N CYS A 16 -1.58 -3.26 -3.09
CA CYS A 16 -0.86 -2.10 -2.57
C CYS A 16 -1.73 -0.85 -2.66
N THR A 17 -1.75 -0.06 -1.60
CA THR A 17 -2.55 1.16 -1.58
C THR A 17 -1.70 2.36 -1.16
N ILE A 18 -2.11 3.54 -1.60
CA ILE A 18 -1.38 4.76 -1.29
C ILE A 18 -1.56 5.14 0.17
N THR A 19 -0.59 5.87 0.71
CA THR A 19 -0.65 6.30 2.10
C THR A 19 -0.43 7.81 2.20
N LEU A 20 -0.90 8.40 3.30
CA LEU A 20 -0.74 9.83 3.50
C LEU A 20 -0.70 10.16 4.99
N SER A 21 -0.22 11.35 5.32
CA SER A 21 -0.12 11.77 6.72
C SER A 21 -1.51 11.81 7.35
N ARG A 22 -2.47 12.37 6.62
CA ARG A 22 -3.84 12.46 7.11
C ARG A 22 -4.83 12.29 5.97
N GLN A 1 5.93 -9.17 -2.83
CA GLN A 1 5.13 -8.23 -3.60
C GLN A 1 5.68 -6.82 -3.48
N TRP A 2 6.52 -6.42 -4.44
CA TRP A 2 7.11 -5.10 -4.43
C TRP A 2 6.05 -4.03 -4.65
N CYS A 3 6.04 -3.03 -3.77
CA CYS A 3 5.07 -1.93 -3.87
C CYS A 3 5.81 -0.59 -3.99
N GLN A 4 5.42 0.18 -5.01
CA GLN A 4 6.03 1.47 -5.26
C GLN A 4 5.97 2.34 -4.00
N PRO A 5 6.87 3.29 -3.86
CA PRO A 5 6.87 4.18 -2.67
C PRO A 5 5.61 5.04 -2.63
N GLY A 6 5.14 5.35 -1.43
CA GLY A 6 3.93 6.13 -1.27
C GLY A 6 2.72 5.21 -1.16
N TYR A 7 2.96 3.91 -1.37
CA TYR A 7 1.89 2.91 -1.28
C TYR A 7 2.15 2.01 -0.07
N ALA A 8 1.06 1.57 0.57
CA ALA A 8 1.18 0.71 1.74
C ALA A 8 0.41 -0.59 1.55
N TYR A 9 1.05 -1.70 1.93
CA TYR A 9 0.43 -3.01 1.81
C TYR A 9 -0.85 -3.09 2.62
N ASN A 10 -1.90 -3.59 1.98
CA ASN A 10 -3.19 -3.75 2.64
C ASN A 10 -3.52 -5.25 2.75
N PRO A 11 -3.60 -5.80 3.94
CA PRO A 11 -3.90 -7.25 4.10
C PRO A 11 -5.37 -7.55 3.77
N VAL A 12 -6.24 -6.58 4.03
CA VAL A 12 -7.65 -6.75 3.74
C VAL A 12 -7.87 -6.90 2.24
N LEU A 13 -7.21 -6.04 1.46
CA LEU A 13 -7.34 -6.09 0.00
C LEU A 13 -6.38 -7.12 -0.58
N GLY A 14 -5.30 -7.40 0.14
CA GLY A 14 -4.30 -8.36 -0.31
C GLY A 14 -3.33 -7.71 -1.29
N ILE A 15 -3.53 -6.42 -1.54
CA ILE A 15 -2.65 -5.68 -2.46
C ILE A 15 -2.28 -4.32 -1.85
N CYS A 16 -1.35 -3.63 -2.51
CA CYS A 16 -0.93 -2.32 -2.02
C CYS A 16 -1.80 -1.21 -2.58
N THR A 17 -2.10 -0.22 -1.74
CA THR A 17 -2.92 0.91 -2.15
C THR A 17 -2.21 2.21 -1.79
N ILE A 18 -2.55 3.27 -2.50
CA ILE A 18 -1.94 4.57 -2.25
C ILE A 18 -2.35 5.09 -0.89
N THR A 19 -1.42 5.76 -0.20
CA THR A 19 -1.71 6.31 1.12
C THR A 19 -0.97 7.63 1.31
N LEU A 20 -1.60 8.54 2.06
CA LEU A 20 -1.00 9.84 2.33
C LEU A 20 -1.08 10.16 3.81
N SER A 21 -0.92 9.16 4.65
CA SER A 21 -0.99 9.35 6.09
C SER A 21 0.15 10.26 6.56
N ARG A 22 -0.15 11.16 7.49
CA ARG A 22 0.86 12.08 8.00
C ARG A 22 1.90 11.32 8.84
N GLN A 1 4.24 -9.48 -3.70
CA GLN A 1 3.58 -8.51 -2.85
C GLN A 1 4.35 -7.19 -2.83
N TRP A 2 5.15 -6.98 -3.86
CA TRP A 2 5.94 -5.76 -3.97
C TRP A 2 5.06 -4.55 -4.24
N CYS A 3 5.31 -3.47 -3.50
CA CYS A 3 4.54 -2.24 -3.67
C CYS A 3 5.45 -1.10 -4.11
N GLN A 4 4.89 -0.18 -4.89
CA GLN A 4 5.64 0.97 -5.37
C GLN A 4 5.84 1.96 -4.22
N PRO A 5 6.81 2.82 -4.31
CA PRO A 5 7.08 3.82 -3.24
C PRO A 5 5.88 4.76 -3.06
N GLY A 6 5.59 5.07 -1.80
CA GLY A 6 4.45 5.94 -1.50
C GLY A 6 3.20 5.10 -1.27
N TYR A 7 3.30 3.81 -1.55
CA TYR A 7 2.18 2.88 -1.35
C TYR A 7 2.49 1.89 -0.25
N ALA A 8 1.48 1.55 0.54
CA ALA A 8 1.64 0.60 1.63
C ALA A 8 0.90 -0.70 1.31
N TYR A 9 1.57 -1.82 1.50
CA TYR A 9 0.96 -3.12 1.21
C TYR A 9 -0.23 -3.37 2.13
N ASN A 10 -1.35 -3.79 1.54
CA ASN A 10 -2.55 -4.09 2.32
C ASN A 10 -2.85 -5.60 2.26
N PRO A 11 -2.76 -6.32 3.35
CA PRO A 11 -3.03 -7.78 3.34
C PRO A 11 -4.52 -8.06 3.21
N VAL A 12 -5.34 -7.18 3.78
CA VAL A 12 -6.78 -7.34 3.70
C VAL A 12 -7.26 -7.22 2.26
N LEU A 13 -6.76 -6.22 1.55
CA LEU A 13 -7.15 -6.01 0.16
C LEU A 13 -6.35 -6.93 -0.75
N GLY A 14 -5.16 -7.30 -0.31
CA GLY A 14 -4.29 -8.18 -1.09
C GLY A 14 -3.50 -7.40 -2.14
N ILE A 15 -3.67 -6.08 -2.14
CA ILE A 15 -2.97 -5.23 -3.11
C ILE A 15 -2.35 -4.03 -2.42
N CYS A 16 -1.56 -3.25 -3.16
CA CYS A 16 -0.90 -2.07 -2.61
C CYS A 16 -1.82 -0.86 -2.70
N THR A 17 -1.87 -0.06 -1.62
CA THR A 17 -2.73 1.13 -1.61
C THR A 17 -1.95 2.36 -1.19
N ILE A 18 -2.43 3.52 -1.63
CA ILE A 18 -1.79 4.79 -1.32
C ILE A 18 -2.04 5.16 0.15
N THR A 19 -1.02 5.73 0.78
CA THR A 19 -1.13 6.13 2.17
C THR A 19 -0.34 7.41 2.42
N LEU A 20 -0.81 8.22 3.37
CA LEU A 20 -0.14 9.47 3.69
C LEU A 20 -0.37 9.87 5.14
N SER A 21 0.43 10.82 5.62
CA SER A 21 0.31 11.27 7.00
C SER A 21 -1.06 11.88 7.27
N ARG A 22 -1.54 12.69 6.32
CA ARG A 22 -2.85 13.33 6.46
C ARG A 22 -2.89 14.15 7.74
#